data_8F7O
#
_entry.id   8F7O
#
_cell.length_a   86.918
_cell.length_b   121.998
_cell.length_c   57.797
_cell.angle_alpha   90.00
_cell.angle_beta   90.00
_cell.angle_gamma   90.00
#
_symmetry.space_group_name_H-M   'P 21 21 2'
#
loop_
_entity.id
_entity.type
_entity.pdbx_description
1 polymer 'Serine/threonine-protein kinase B-raf'
2 non-polymer 6-amino-5-chloro-N-[(1R)-1-(5-{[5-chloro-4-(trifluoromethyl)pyridin-2-yl]carbamoyl}-1,3-thiazol-2-yl)ethyl]pyrimidine-4-carboxamide
#
_entity_poly.entity_id   1
_entity_poly.type   'polypeptide(L)'
_entity_poly.pdbx_seq_one_letter_code
;GGGRDAADDWEIPDGQITVGQRIGSGSFGTVYKGKWHGDVAVKMLNVTAPTPQQLQAFKNEVGVLRKTRHVNILLFMGYS
TKPQLAIVTQWCEGSSLYHHLHASETKFEMKKLIDIARQTARGMDYLHAKSIIHRDLKSNNIFLHEDNTVKIGDFGLATV
KSRWSGSHQFEQLSGSILWMAPEVIRMQDSNPYSFQSDVYAFGIVLYELMTGQLPYSNINNRDQIIEMVGRGSLSPDLSK
VRSNCPKRMKRLMAECLKKKRDERPSFPRILAEIEELARELSG
;
_entity_poly.pdbx_strand_id   A,B
#
loop_
_chem_comp.id
_chem_comp.type
_chem_comp.name
_chem_comp.formula
QOP non-polymer 6-amino-5-chloro-N-[(1R)-1-(5-{[5-chloro-4-(trifluoromethyl)pyridin-2-yl]carbamoyl}-1,3-thiazol-2-yl)ethyl]pyrimidine-4-carboxamide 'C17 H12 Cl2 F3 N7 O2 S'
#
# COMPACT_ATOMS: atom_id res chain seq x y z
N ASP A 9 -9.09 2.22 -16.02
CA ASP A 9 -10.03 1.10 -15.96
C ASP A 9 -9.46 -0.03 -15.11
N TRP A 10 -10.01 -0.19 -13.90
CA TRP A 10 -9.54 -1.17 -12.95
C TRP A 10 -10.31 -2.48 -13.00
N GLU A 11 -11.20 -2.65 -13.97
CA GLU A 11 -12.01 -3.86 -14.05
C GLU A 11 -11.12 -5.08 -14.32
N ILE A 12 -11.32 -6.13 -13.54
CA ILE A 12 -10.56 -7.37 -13.67
C ILE A 12 -11.38 -8.33 -14.52
N PRO A 13 -10.86 -8.81 -15.65
CA PRO A 13 -11.63 -9.73 -16.49
C PRO A 13 -11.91 -11.04 -15.78
N ASP A 14 -13.05 -11.65 -16.12
CA ASP A 14 -13.43 -12.93 -15.52
C ASP A 14 -12.46 -14.01 -15.96
N GLY A 15 -11.89 -14.72 -14.98
CA GLY A 15 -10.97 -15.81 -15.24
C GLY A 15 -9.60 -15.64 -14.64
N GLN A 16 -9.24 -14.45 -14.15
CA GLN A 16 -7.92 -14.25 -13.55
C GLN A 16 -7.93 -14.51 -12.05
N ILE A 17 -9.03 -14.24 -11.37
CA ILE A 17 -9.12 -14.39 -9.93
C ILE A 17 -9.49 -15.83 -9.60
N THR A 18 -8.76 -16.44 -8.67
CA THR A 18 -9.05 -17.79 -8.19
C THR A 18 -9.69 -17.68 -6.82
N VAL A 19 -11.03 -17.71 -6.80
CA VAL A 19 -11.77 -17.60 -5.55
C VAL A 19 -11.49 -18.82 -4.69
N GLY A 20 -11.09 -18.59 -3.44
CA GLY A 20 -10.75 -19.68 -2.55
C GLY A 20 -11.69 -19.85 -1.37
N GLN A 21 -11.13 -20.03 -0.18
CA GLN A 21 -11.93 -20.30 1.01
C GLN A 21 -12.72 -19.06 1.42
N ARG A 22 -13.96 -19.29 1.86
CA ARG A 22 -14.80 -18.20 2.32
C ARG A 22 -14.34 -17.75 3.70
N ILE A 23 -14.20 -16.43 3.88
CA ILE A 23 -13.75 -15.89 5.15
C ILE A 23 -14.92 -15.30 5.93
N GLY A 24 -15.64 -14.38 5.30
CA GLY A 24 -16.76 -13.72 5.93
C GLY A 24 -17.68 -13.14 4.88
N SER A 25 -18.63 -12.34 5.36
CA SER A 25 -19.59 -11.67 4.48
C SER A 25 -19.84 -10.29 5.05
N GLY A 26 -19.31 -9.26 4.37
CA GLY A 26 -19.45 -7.89 4.79
C GLY A 26 -20.12 -7.05 3.71
N SER A 27 -20.43 -5.81 4.09
CA SER A 27 -21.05 -4.85 3.18
C SER A 27 -22.30 -5.43 2.53
N PHE A 28 -22.19 -5.85 1.27
CA PHE A 28 -23.30 -6.46 0.55
C PHE A 28 -23.09 -7.96 0.34
N GLY A 29 -22.10 -8.35 -0.47
CA GLY A 29 -21.84 -9.74 -0.76
C GLY A 29 -20.93 -10.42 0.25
N THR A 30 -20.58 -11.66 -0.05
CA THR A 30 -19.68 -12.44 0.77
C THR A 30 -18.24 -12.26 0.26
N VAL A 31 -17.29 -12.46 1.18
CA VAL A 31 -15.88 -12.18 0.90
C VAL A 31 -15.09 -13.48 0.98
N TYR A 32 -14.22 -13.69 -0.01
CA TYR A 32 -13.34 -14.84 -0.06
C TYR A 32 -11.90 -14.37 -0.15
N LYS A 33 -10.97 -15.29 0.11
CA LYS A 33 -9.55 -15.06 -0.10
C LYS A 33 -9.17 -15.59 -1.47
N GLY A 34 -8.84 -14.69 -2.39
CA GLY A 34 -8.60 -15.04 -3.77
C GLY A 34 -7.13 -15.00 -4.15
N LYS A 35 -6.84 -15.55 -5.32
CA LYS A 35 -5.51 -15.56 -5.91
C LYS A 35 -5.50 -14.64 -7.11
N TRP A 36 -4.66 -13.60 -7.07
CA TRP A 36 -4.55 -12.68 -8.21
C TRP A 36 -3.23 -11.92 -8.03
N HIS A 37 -2.17 -12.44 -8.65
CA HIS A 37 -0.82 -11.88 -8.50
C HIS A 37 -0.41 -11.82 -7.03
N GLY A 38 -0.79 -12.86 -6.28
CA GLY A 38 -0.56 -12.90 -4.86
C GLY A 38 -1.85 -13.12 -4.09
N ASP A 39 -1.85 -12.75 -2.81
CA ASP A 39 -3.04 -12.92 -1.97
C ASP A 39 -3.90 -11.67 -2.02
N VAL A 40 -5.19 -11.85 -2.34
CA VAL A 40 -6.15 -10.76 -2.43
C VAL A 40 -7.45 -11.21 -1.76
N ALA A 41 -8.34 -10.24 -1.55
CA ALA A 41 -9.67 -10.47 -0.99
C ALA A 41 -10.72 -9.95 -1.97
N VAL A 42 -11.74 -10.76 -2.24
CA VAL A 42 -12.76 -10.43 -3.22
C VAL A 42 -14.14 -10.50 -2.55
N LYS A 43 -14.91 -9.43 -2.67
CA LYS A 43 -16.29 -9.38 -2.15
C LYS A 43 -17.26 -9.46 -3.33
N MET A 44 -17.69 -10.67 -3.64
CA MET A 44 -18.61 -10.96 -4.74
C MET A 44 -20.06 -10.82 -4.30
N LEU A 45 -20.80 -9.93 -4.96
CA LEU A 45 -22.24 -9.86 -4.74
C LEU A 45 -22.88 -11.10 -5.34
N ASN A 46 -23.31 -12.04 -4.48
CA ASN A 46 -23.91 -13.29 -4.94
C ASN A 46 -25.38 -13.09 -5.36
N VAL A 47 -25.57 -12.28 -6.41
CA VAL A 47 -26.88 -11.99 -6.97
C VAL A 47 -26.76 -12.07 -8.48
N THR A 48 -27.29 -13.14 -9.08
CA THR A 48 -27.24 -13.30 -10.53
C THR A 48 -27.90 -12.14 -11.27
N ALA A 49 -28.83 -11.43 -10.64
CA ALA A 49 -29.49 -10.28 -11.26
C ALA A 49 -29.61 -9.16 -10.21
N PRO A 50 -28.55 -8.38 -10.05
CA PRO A 50 -28.57 -7.33 -9.01
C PRO A 50 -29.55 -6.23 -9.36
N THR A 51 -30.29 -5.79 -8.35
CA THR A 51 -31.18 -4.66 -8.51
C THR A 51 -30.39 -3.38 -8.75
N PRO A 52 -30.99 -2.38 -9.41
CA PRO A 52 -30.29 -1.10 -9.58
C PRO A 52 -29.88 -0.47 -8.26
N GLN A 53 -30.59 -0.75 -7.18
CA GLN A 53 -30.17 -0.27 -5.86
C GLN A 53 -28.86 -0.91 -5.43
N GLN A 54 -28.75 -2.24 -5.58
CA GLN A 54 -27.51 -2.91 -5.25
C GLN A 54 -26.40 -2.54 -6.22
N LEU A 55 -26.74 -2.30 -7.50
CA LEU A 55 -25.74 -1.87 -8.47
C LEU A 55 -25.20 -0.49 -8.14
N GLN A 56 -26.07 0.42 -7.71
CA GLN A 56 -25.62 1.77 -7.38
C GLN A 56 -24.72 1.76 -6.13
N ALA A 57 -25.06 0.93 -5.14
CA ALA A 57 -24.20 0.78 -3.97
C ALA A 57 -22.84 0.20 -4.36
N PHE A 58 -22.81 -0.65 -5.38
CA PHE A 58 -21.54 -1.17 -5.89
C PHE A 58 -20.74 -0.07 -6.57
N LYS A 59 -21.40 0.73 -7.41
CA LYS A 59 -20.71 1.80 -8.12
C LYS A 59 -20.26 2.91 -7.18
N ASN A 60 -20.95 3.08 -6.06
CA ASN A 60 -20.54 4.09 -5.09
C ASN A 60 -19.32 3.65 -4.30
N GLU A 61 -19.28 2.38 -3.88
CA GLU A 61 -18.16 1.90 -3.07
C GLU A 61 -16.87 1.83 -3.90
N VAL A 62 -16.97 1.50 -5.19
CA VAL A 62 -15.77 1.51 -6.02
C VAL A 62 -15.36 2.95 -6.34
N GLY A 63 -16.33 3.84 -6.54
CA GLY A 63 -16.00 5.23 -6.81
C GLY A 63 -15.29 5.90 -5.65
N VAL A 64 -15.55 5.45 -4.43
CA VAL A 64 -14.84 5.97 -3.27
C VAL A 64 -13.49 5.30 -3.11
N LEU A 65 -13.43 3.98 -3.32
CA LEU A 65 -12.17 3.26 -3.18
C LEU A 65 -11.16 3.64 -4.25
N ARG A 66 -11.63 4.10 -5.42
CA ARG A 66 -10.69 4.58 -6.43
C ARG A 66 -9.94 5.81 -5.94
N LYS A 67 -10.63 6.70 -5.23
CA LYS A 67 -10.05 7.95 -4.76
C LYS A 67 -9.11 7.79 -3.57
N THR A 68 -8.87 6.55 -3.12
CA THR A 68 -8.04 6.29 -1.95
C THR A 68 -6.70 5.72 -2.39
N ARG A 69 -5.62 6.36 -1.92
CA ARG A 69 -4.25 5.89 -2.14
C ARG A 69 -3.43 6.32 -0.91
N HIS A 70 -3.51 5.52 0.14
CA HIS A 70 -2.88 5.85 1.41
C HIS A 70 -2.44 4.57 2.10
N VAL A 71 -1.44 4.69 2.97
CA VAL A 71 -0.86 3.53 3.63
C VAL A 71 -1.83 2.92 4.64
N ASN A 72 -2.70 3.74 5.23
CA ASN A 72 -3.59 3.30 6.29
C ASN A 72 -5.03 3.10 5.81
N ILE A 73 -5.26 3.13 4.50
CA ILE A 73 -6.55 2.80 3.92
C ILE A 73 -6.40 1.50 3.14
N LEU A 74 -7.42 0.64 3.22
CA LEU A 74 -7.35 -0.65 2.54
C LEU A 74 -7.15 -0.46 1.05
N LEU A 75 -6.14 -1.13 0.51
CA LEU A 75 -5.75 -0.95 -0.89
C LEU A 75 -6.79 -1.57 -1.80
N PHE A 76 -7.54 -0.72 -2.50
CA PHE A 76 -8.40 -1.20 -3.58
C PHE A 76 -7.54 -1.64 -4.75
N MET A 77 -7.89 -2.77 -5.35
CA MET A 77 -7.11 -3.35 -6.43
C MET A 77 -7.88 -3.55 -7.73
N GLY A 78 -9.20 -3.69 -7.67
CA GLY A 78 -9.96 -3.86 -8.89
C GLY A 78 -11.38 -4.30 -8.55
N TYR A 79 -12.19 -4.35 -9.60
CA TYR A 79 -13.57 -4.77 -9.48
C TYR A 79 -13.91 -5.69 -10.66
N SER A 80 -15.04 -6.38 -10.53
CA SER A 80 -15.49 -7.29 -11.57
C SER A 80 -16.98 -7.10 -11.81
N THR A 81 -17.42 -7.43 -13.02
CA THR A 81 -18.82 -7.38 -13.40
C THR A 81 -19.36 -8.70 -13.89
N LYS A 82 -18.52 -9.55 -14.49
CA LYS A 82 -18.93 -10.85 -14.97
C LYS A 82 -18.25 -11.95 -14.18
N PRO A 83 -19.00 -12.96 -13.69
CA PRO A 83 -20.45 -13.11 -13.79
C PRO A 83 -21.14 -12.57 -12.53
N GLN A 84 -20.39 -11.87 -11.68
CA GLN A 84 -20.91 -11.34 -10.43
C GLN A 84 -20.20 -10.04 -10.11
N LEU A 85 -20.93 -9.08 -9.55
CA LEU A 85 -20.34 -7.83 -9.10
C LEU A 85 -19.38 -8.10 -7.95
N ALA A 86 -18.11 -7.75 -8.12
CA ALA A 86 -17.09 -8.06 -7.13
C ALA A 86 -16.19 -6.85 -6.92
N ILE A 87 -15.56 -6.83 -5.75
CA ILE A 87 -14.57 -5.81 -5.39
C ILE A 87 -13.34 -6.53 -4.87
N VAL A 88 -12.18 -6.22 -5.43
CA VAL A 88 -10.93 -6.90 -5.10
C VAL A 88 -10.02 -5.91 -4.38
N THR A 89 -9.62 -6.28 -3.16
CA THR A 89 -8.68 -5.50 -2.38
C THR A 89 -7.51 -6.39 -1.98
N GLN A 90 -6.52 -5.78 -1.32
CA GLN A 90 -5.40 -6.55 -0.79
C GLN A 90 -5.88 -7.52 0.28
N TRP A 91 -5.06 -8.52 0.56
CA TRP A 91 -5.32 -9.48 1.63
C TRP A 91 -4.36 -9.19 2.77
N CYS A 92 -4.91 -8.92 3.95
CA CYS A 92 -4.13 -8.54 5.11
C CYS A 92 -4.31 -9.57 6.21
N GLU A 93 -3.21 -9.94 6.85
CA GLU A 93 -3.20 -10.90 7.95
C GLU A 93 -3.26 -10.17 9.28
N GLY A 94 -3.91 -10.82 10.26
CA GLY A 94 -4.05 -10.24 11.58
C GLY A 94 -5.48 -10.24 12.06
N SER A 95 -5.83 -9.27 12.91
CA SER A 95 -7.17 -9.16 13.45
C SER A 95 -7.58 -7.70 13.51
N SER A 96 -8.88 -7.46 13.72
CA SER A 96 -9.39 -6.11 13.84
C SER A 96 -9.07 -5.53 15.21
N LEU A 97 -9.10 -4.19 15.28
CA LEU A 97 -8.82 -3.51 16.54
C LEU A 97 -9.82 -3.87 17.62
N TYR A 98 -11.08 -4.12 17.23
CA TYR A 98 -12.09 -4.56 18.20
C TYR A 98 -11.73 -5.92 18.79
N HIS A 99 -11.14 -6.81 17.98
CA HIS A 99 -10.74 -8.12 18.47
C HIS A 99 -9.56 -8.04 19.43
N HIS A 100 -8.70 -7.05 19.26
CA HIS A 100 -7.51 -6.95 20.09
C HIS A 100 -7.77 -6.28 21.44
N LEU A 101 -8.78 -5.41 21.52
CA LEU A 101 -9.02 -4.65 22.73
C LEU A 101 -10.11 -5.23 23.63
N HIS A 102 -11.01 -6.04 23.08
CA HIS A 102 -12.15 -6.55 23.83
C HIS A 102 -12.31 -8.06 23.76
N ALA A 103 -11.58 -8.74 22.88
CA ALA A 103 -11.63 -10.19 22.74
C ALA A 103 -10.31 -10.86 23.09
N SER A 104 -9.20 -10.38 22.55
CA SER A 104 -7.91 -10.99 22.82
C SER A 104 -7.42 -10.62 24.22
N GLU A 105 -6.46 -11.40 24.71
CA GLU A 105 -5.96 -11.28 26.08
C GLU A 105 -4.69 -10.44 26.17
N THR A 106 -4.10 -10.05 25.05
CA THR A 106 -2.88 -9.25 25.07
C THR A 106 -3.18 -7.77 25.31
N LYS A 107 -2.42 -7.16 26.22
CA LYS A 107 -2.51 -5.73 26.49
C LYS A 107 -1.48 -4.99 25.66
N PHE A 108 -1.92 -3.99 24.90
CA PHE A 108 -1.01 -3.19 24.11
C PHE A 108 -0.42 -2.08 24.96
N GLU A 109 0.89 -1.86 24.79
CA GLU A 109 1.58 -0.79 25.49
C GLU A 109 1.03 0.57 25.06
N MET A 110 1.23 1.56 25.92
CA MET A 110 0.77 2.92 25.61
C MET A 110 1.47 3.49 24.38
N LYS A 111 2.72 3.09 24.15
CA LYS A 111 3.42 3.52 22.94
C LYS A 111 2.70 3.03 21.68
N LYS A 112 2.30 1.76 21.67
CA LYS A 112 1.61 1.22 20.50
C LYS A 112 0.18 1.72 20.40
N LEU A 113 -0.49 1.92 21.55
CA LEU A 113 -1.84 2.45 21.54
C LEU A 113 -1.89 3.84 20.90
N ILE A 114 -0.86 4.67 21.16
CA ILE A 114 -0.79 5.97 20.52
C ILE A 114 -0.47 5.82 19.04
N ASP A 115 0.37 4.84 18.70
CA ASP A 115 0.72 4.62 17.29
C ASP A 115 -0.50 4.17 16.49
N ILE A 116 -1.35 3.33 17.07
CA ILE A 116 -2.58 2.91 16.40
C ILE A 116 -3.49 4.12 16.20
N ALA A 117 -3.54 5.02 17.17
CA ALA A 117 -4.34 6.23 17.03
C ALA A 117 -3.75 7.16 15.97
N ARG A 118 -2.42 7.19 15.83
CA ARG A 118 -1.80 8.03 14.81
C ARG A 118 -2.13 7.53 13.42
N GLN A 119 -1.99 6.23 13.19
CA GLN A 119 -2.30 5.67 11.87
C GLN A 119 -3.77 5.83 11.53
N THR A 120 -4.65 5.68 12.51
CA THR A 120 -6.07 5.89 12.27
C THR A 120 -6.35 7.34 11.89
N ALA A 121 -5.76 8.29 12.63
CA ALA A 121 -5.93 9.70 12.28
C ALA A 121 -5.33 10.01 10.91
N ARG A 122 -4.21 9.37 10.58
CA ARG A 122 -3.62 9.55 9.26
C ARG A 122 -4.57 9.11 8.15
N GLY A 123 -5.12 7.89 8.28
CA GLY A 123 -6.05 7.41 7.28
C GLY A 123 -7.34 8.21 7.23
N MET A 124 -7.87 8.58 8.39
CA MET A 124 -9.11 9.36 8.43
C MET A 124 -8.91 10.74 7.85
N ASP A 125 -7.77 11.38 8.12
CA ASP A 125 -7.48 12.69 7.54
C ASP A 125 -7.39 12.61 6.02
N TYR A 126 -6.75 11.55 5.51
CA TYR A 126 -6.65 11.38 4.06
C TYR A 126 -8.03 11.20 3.43
N LEU A 127 -8.94 10.52 4.13
CA LEU A 127 -10.30 10.36 3.61
C LEU A 127 -11.03 11.70 3.55
N HIS A 128 -10.97 12.46 4.64
CA HIS A 128 -11.63 13.77 4.66
C HIS A 128 -10.98 14.75 3.69
N ALA A 129 -9.67 14.61 3.47
CA ALA A 129 -9.01 15.44 2.45
C ALA A 129 -9.54 15.12 1.06
N LYS A 130 -9.75 13.83 0.76
CA LYS A 130 -10.33 13.41 -0.50
C LYS A 130 -11.84 13.56 -0.53
N SER A 131 -12.41 14.31 0.42
CA SER A 131 -13.86 14.53 0.52
C SER A 131 -14.62 13.21 0.59
N ILE A 132 -14.16 12.33 1.48
CA ILE A 132 -14.73 11.00 1.67
C ILE A 132 -15.15 10.85 3.12
N ILE A 133 -16.43 10.55 3.34
CA ILE A 133 -16.98 10.31 4.66
C ILE A 133 -17.07 8.81 4.89
N HIS A 134 -16.51 8.34 6.00
CA HIS A 134 -16.53 6.92 6.30
C HIS A 134 -17.92 6.44 6.70
N ARG A 135 -18.66 7.29 7.43
CA ARG A 135 -20.05 7.03 7.84
C ARG A 135 -20.20 5.89 8.82
N ASP A 136 -19.17 5.05 8.96
CA ASP A 136 -19.27 3.88 9.84
C ASP A 136 -17.88 3.53 10.37
N LEU A 137 -17.19 4.51 10.94
CA LEU A 137 -15.89 4.25 11.55
C LEU A 137 -16.07 3.63 12.92
N LYS A 138 -15.43 2.49 13.14
CA LYS A 138 -15.48 1.80 14.42
C LYS A 138 -14.28 0.87 14.52
N SER A 139 -13.99 0.45 15.76
CA SER A 139 -12.85 -0.42 16.00
C SER A 139 -12.97 -1.75 15.26
N ASN A 140 -14.19 -2.15 14.86
CA ASN A 140 -14.34 -3.37 14.09
C ASN A 140 -13.88 -3.18 12.65
N ASN A 141 -13.96 -1.96 12.13
CA ASN A 141 -13.51 -1.65 10.79
C ASN A 141 -12.07 -1.16 10.75
N ILE A 142 -11.34 -1.27 11.86
CA ILE A 142 -9.94 -0.88 11.94
C ILE A 142 -9.14 -2.17 12.03
N PHE A 143 -8.58 -2.61 10.91
CA PHE A 143 -7.83 -3.85 10.84
C PHE A 143 -6.36 -3.60 11.12
N LEU A 144 -5.76 -4.47 11.92
CA LEU A 144 -4.34 -4.38 12.27
C LEU A 144 -3.59 -5.37 11.38
N HIS A 145 -3.19 -4.90 10.19
CA HIS A 145 -2.46 -5.73 9.26
C HIS A 145 -1.10 -6.09 9.84
N GLU A 146 -0.84 -7.39 9.95
CA GLU A 146 0.38 -7.92 10.59
C GLU A 146 0.51 -7.44 12.03
N ASP A 147 -0.61 -7.10 12.67
CA ASP A 147 -0.65 -6.59 14.04
C ASP A 147 0.18 -5.33 14.22
N ASN A 148 0.41 -4.58 13.15
CA ASN A 148 1.20 -3.37 13.20
C ASN A 148 0.55 -2.24 12.41
N THR A 149 0.42 -2.43 11.09
CA THR A 149 -0.10 -1.39 10.22
C THR A 149 -1.63 -1.35 10.31
N VAL A 150 -2.16 -0.17 10.60
CA VAL A 150 -3.60 0.02 10.72
C VAL A 150 -4.20 0.19 9.34
N LYS A 151 -5.26 -0.58 9.05
CA LYS A 151 -5.96 -0.50 7.78
C LYS A 151 -7.42 -0.17 8.05
N ILE A 152 -7.87 0.98 7.55
CA ILE A 152 -9.25 1.43 7.71
C ILE A 152 -10.05 1.03 6.48
N GLY A 153 -11.23 0.48 6.70
CA GLY A 153 -12.11 0.10 5.62
C GLY A 153 -13.54 -0.01 6.10
N ASP A 154 -14.39 -0.57 5.25
CA ASP A 154 -15.78 -0.88 5.58
C ASP A 154 -15.95 -2.36 5.31
N PHE A 155 -15.58 -3.18 6.30
CA PHE A 155 -15.63 -4.62 6.16
C PHE A 155 -17.02 -5.18 6.44
N GLY A 156 -17.27 -5.51 7.70
CA GLY A 156 -18.46 -6.24 8.10
C GLY A 156 -18.04 -7.44 8.92
N LEU A 157 -17.46 -8.44 8.27
CA LEU A 157 -16.91 -9.62 8.92
C LEU A 157 -15.45 -9.74 8.47
N ALA A 158 -14.53 -9.20 9.28
CA ALA A 158 -13.10 -9.29 8.98
C ALA A 158 -12.53 -10.57 9.61
N THR A 159 -12.47 -10.60 10.93
CA THR A 159 -12.02 -11.79 11.65
C THR A 159 -13.20 -12.64 12.09
N GLN A 172 -23.33 -10.92 15.80
CA GLN A 172 -24.60 -10.23 15.88
C GLN A 172 -24.36 -8.73 16.08
N LEU A 173 -23.15 -8.40 16.55
CA LEU A 173 -22.66 -7.02 16.70
C LEU A 173 -23.35 -6.30 17.86
N SER A 174 -24.63 -5.96 17.67
CA SER A 174 -25.41 -5.25 18.68
C SER A 174 -24.86 -3.85 18.91
N GLY A 175 -23.63 -3.77 19.43
CA GLY A 175 -23.00 -2.51 19.77
C GLY A 175 -22.70 -1.53 18.64
N SER A 176 -23.10 -1.86 17.40
CA SER A 176 -22.82 -0.99 16.27
C SER A 176 -23.43 0.40 16.40
N ILE A 177 -23.86 0.77 17.60
CA ILE A 177 -24.51 2.03 17.92
C ILE A 177 -23.51 2.96 18.62
N LEU A 178 -22.54 2.36 19.32
CA LEU A 178 -21.66 3.10 20.23
C LEU A 178 -20.80 4.16 19.52
N TRP A 179 -20.65 4.08 18.19
CA TRP A 179 -19.82 5.02 17.47
C TRP A 179 -20.62 6.07 16.71
N MET A 180 -21.95 6.09 16.86
CA MET A 180 -22.79 7.06 16.19
C MET A 180 -22.95 8.30 17.06
N ALA A 181 -22.70 9.47 16.46
CA ALA A 181 -22.76 10.72 17.19
C ALA A 181 -24.19 11.06 17.61
N PRO A 182 -24.35 11.97 18.59
CA PRO A 182 -25.71 12.36 19.00
C PRO A 182 -26.60 12.84 17.86
N GLU A 183 -26.10 13.74 17.01
CA GLU A 183 -26.90 14.21 15.89
C GLU A 183 -27.17 13.09 14.89
N VAL A 184 -26.34 12.04 14.88
CA VAL A 184 -26.60 10.89 14.04
C VAL A 184 -27.76 10.06 14.57
N ILE A 185 -28.14 10.25 15.83
CA ILE A 185 -29.26 9.48 16.38
C ILE A 185 -30.60 10.17 16.11
N ARG A 186 -30.60 11.50 15.97
CA ARG A 186 -31.77 12.23 15.48
C ARG A 186 -31.70 12.21 13.95
N MET A 187 -32.11 11.08 13.37
CA MET A 187 -31.97 10.88 11.94
C MET A 187 -32.78 11.92 11.15
N GLN A 188 -32.21 12.31 10.02
CA GLN A 188 -32.87 13.21 9.07
C GLN A 188 -32.96 12.49 7.73
N ASP A 189 -31.91 12.60 6.93
CA ASP A 189 -31.75 11.82 5.70
C ASP A 189 -30.30 11.34 5.62
N SER A 190 -29.55 11.82 4.63
CA SER A 190 -28.12 11.53 4.51
C SER A 190 -27.32 12.78 4.87
N ASN A 191 -27.80 13.52 5.86
CA ASN A 191 -27.17 14.73 6.37
C ASN A 191 -26.49 14.58 7.73
N PRO A 192 -26.95 13.70 8.63
CA PRO A 192 -26.19 13.55 9.89
C PRO A 192 -24.84 12.92 9.68
N TYR A 193 -24.63 12.21 8.57
CA TYR A 193 -23.29 11.71 8.23
C TYR A 193 -22.46 12.88 7.74
N SER A 194 -21.41 13.23 8.47
CA SER A 194 -20.54 14.33 8.11
C SER A 194 -19.17 14.06 8.70
N PHE A 195 -18.24 14.99 8.45
CA PHE A 195 -16.91 14.88 9.03
C PHE A 195 -16.97 14.91 10.55
N GLN A 196 -17.94 15.65 11.12
CA GLN A 196 -18.08 15.69 12.56
C GLN A 196 -18.61 14.36 13.11
N SER A 197 -19.43 13.66 12.34
CA SER A 197 -19.90 12.34 12.78
C SER A 197 -18.75 11.34 12.81
N ASP A 198 -17.82 11.44 11.85
CA ASP A 198 -16.64 10.58 11.86
C ASP A 198 -15.68 10.95 12.97
N VAL A 199 -15.60 12.24 13.32
CA VAL A 199 -14.74 12.66 14.42
C VAL A 199 -15.25 12.07 15.74
N TYR A 200 -16.56 12.06 15.93
CA TYR A 200 -17.12 11.43 17.12
C TYR A 200 -16.80 9.94 17.16
N ALA A 201 -16.88 9.27 16.02
CA ALA A 201 -16.50 7.85 15.96
C ALA A 201 -15.05 7.67 16.34
N PHE A 202 -14.17 8.57 15.88
CA PHE A 202 -12.77 8.51 16.28
C PHE A 202 -12.60 8.72 17.78
N GLY A 203 -13.45 9.55 18.38
CA GLY A 203 -13.39 9.75 19.82
C GLY A 203 -13.72 8.48 20.59
N ILE A 204 -14.70 7.72 20.10
CA ILE A 204 -15.03 6.44 20.74
C ILE A 204 -13.87 5.46 20.60
N VAL A 205 -13.19 5.47 19.45
CA VAL A 205 -12.02 4.63 19.27
C VAL A 205 -10.92 5.02 20.25
N LEU A 206 -10.75 6.32 20.49
CA LEU A 206 -9.82 6.77 21.51
C LEU A 206 -10.22 6.26 22.89
N TYR A 207 -11.54 6.20 23.14
CA TYR A 207 -12.02 5.66 24.42
C TYR A 207 -11.66 4.19 24.57
N GLU A 208 -11.81 3.41 23.50
CA GLU A 208 -11.47 1.99 23.56
C GLU A 208 -9.97 1.78 23.75
N LEU A 209 -9.16 2.61 23.07
CA LEU A 209 -7.71 2.46 23.19
C LEU A 209 -7.22 2.83 24.59
N MET A 210 -7.71 3.93 25.14
CA MET A 210 -7.22 4.44 26.41
C MET A 210 -7.90 3.83 27.63
N THR A 211 -8.97 3.06 27.44
CA THR A 211 -9.64 2.40 28.55
C THR A 211 -9.64 0.88 28.47
N GLY A 212 -9.41 0.31 27.29
CA GLY A 212 -9.49 -1.13 27.11
C GLY A 212 -10.89 -1.71 27.19
N GLN A 213 -11.90 -0.88 27.39
CA GLN A 213 -13.29 -1.33 27.47
C GLN A 213 -14.13 -0.56 26.46
N LEU A 214 -15.30 -1.12 26.16
CA LEU A 214 -16.26 -0.42 25.31
C LEU A 214 -16.98 0.66 26.12
N PRO A 215 -17.44 1.72 25.45
CA PRO A 215 -18.19 2.76 26.18
C PRO A 215 -19.54 2.24 26.63
N TYR A 216 -20.01 2.80 27.74
CA TYR A 216 -21.28 2.41 28.36
C TYR A 216 -21.30 0.92 28.69
N SER A 217 -20.17 0.41 29.20
CA SER A 217 -20.09 -1.00 29.57
C SER A 217 -20.90 -1.32 30.81
N ASN A 218 -21.35 -0.31 31.56
CA ASN A 218 -22.13 -0.51 32.77
C ASN A 218 -23.63 -0.38 32.53
N ILE A 219 -24.05 -0.24 31.28
CA ILE A 219 -25.46 -0.14 30.94
C ILE A 219 -25.99 -1.52 30.60
N ASN A 220 -27.16 -1.87 31.16
CA ASN A 220 -27.71 -3.20 30.97
C ASN A 220 -28.18 -3.41 29.54
N ASN A 221 -29.16 -2.64 29.11
CA ASN A 221 -29.81 -2.81 27.82
C ASN A 221 -29.41 -1.69 26.86
N ARG A 222 -29.81 -1.86 25.59
CA ARG A 222 -29.53 -0.88 24.56
C ARG A 222 -30.63 0.16 24.42
N ASP A 223 -31.78 -0.04 25.09
CA ASP A 223 -32.87 0.93 25.01
C ASP A 223 -32.44 2.29 25.55
N GLN A 224 -31.57 2.30 26.57
CA GLN A 224 -31.10 3.56 27.14
C GLN A 224 -30.02 4.20 26.27
N ILE A 225 -29.01 3.42 25.88
CA ILE A 225 -27.84 3.97 25.21
C ILE A 225 -28.21 4.76 23.96
N ILE A 226 -29.26 4.34 23.25
CA ILE A 226 -29.63 5.04 22.03
C ILE A 226 -30.33 6.35 22.34
N GLU A 227 -31.35 6.32 23.20
CA GLU A 227 -32.12 7.52 23.49
C GLU A 227 -31.37 8.48 24.42
N MET A 228 -30.54 7.96 25.34
CA MET A 228 -29.85 8.83 26.28
C MET A 228 -28.70 9.57 25.61
N VAL A 229 -27.97 8.89 24.72
CA VAL A 229 -26.88 9.55 24.01
C VAL A 229 -27.43 10.57 23.02
N GLY A 230 -28.49 10.19 22.29
CA GLY A 230 -29.10 11.10 21.33
C GLY A 230 -29.70 12.34 21.95
N ARG A 231 -30.03 12.30 23.23
CA ARG A 231 -30.61 13.42 23.94
C ARG A 231 -29.57 14.17 24.78
N GLY A 232 -28.28 13.92 24.56
CA GLY A 232 -27.25 14.62 25.28
C GLY A 232 -27.20 14.34 26.77
N SER A 233 -27.81 13.26 27.22
CA SER A 233 -27.84 12.92 28.64
C SER A 233 -26.83 11.85 29.02
N LEU A 234 -26.22 11.18 28.06
CA LEU A 234 -25.25 10.11 28.32
C LEU A 234 -23.98 10.34 27.52
N SER A 235 -22.85 10.32 28.22
CA SER A 235 -21.53 10.43 27.61
C SER A 235 -20.61 9.36 28.18
N PRO A 236 -19.61 8.94 27.42
CA PRO A 236 -18.68 7.92 27.95
C PRO A 236 -17.97 8.43 29.19
N ASP A 237 -17.85 7.54 30.19
CA ASP A 237 -17.22 7.88 31.47
C ASP A 237 -15.71 8.03 31.24
N LEU A 238 -15.25 9.29 31.21
CA LEU A 238 -13.84 9.55 30.93
C LEU A 238 -12.93 9.16 32.09
N SER A 239 -13.49 8.91 33.28
CA SER A 239 -12.67 8.49 34.41
C SER A 239 -12.16 7.06 34.26
N LYS A 240 -12.64 6.32 33.27
CA LYS A 240 -12.21 4.95 33.04
C LYS A 240 -10.91 4.86 32.27
N VAL A 241 -10.28 5.98 31.94
CA VAL A 241 -9.01 5.95 31.22
C VAL A 241 -7.92 5.39 32.12
N ARG A 242 -6.90 4.81 31.52
CA ARG A 242 -5.78 4.27 32.27
C ARG A 242 -5.03 5.40 32.99
N SER A 243 -4.27 5.00 34.02
CA SER A 243 -3.50 5.99 34.78
C SER A 243 -2.36 6.56 33.97
N ASN A 244 -1.74 5.75 33.11
CA ASN A 244 -0.65 6.22 32.26
C ASN A 244 -1.13 6.91 30.99
N CYS A 245 -2.42 7.15 30.87
CA CYS A 245 -2.93 7.89 29.70
C CYS A 245 -2.45 9.33 29.77
N PRO A 246 -1.84 9.85 28.70
CA PRO A 246 -1.41 11.26 28.72
C PRO A 246 -2.58 12.21 28.83
N LYS A 247 -2.34 13.32 29.53
CA LYS A 247 -3.40 14.30 29.73
C LYS A 247 -3.83 14.97 28.43
N ARG A 248 -2.93 15.00 27.43
N ARG A 248 -2.94 14.99 27.42
CA ARG A 248 -3.30 15.54 26.12
CA ARG A 248 -3.31 15.55 26.13
C ARG A 248 -4.32 14.66 25.43
C ARG A 248 -4.25 14.64 25.34
N MET A 249 -4.23 13.34 25.62
CA MET A 249 -5.17 12.43 24.97
C MET A 249 -6.56 12.53 25.58
N LYS A 250 -6.63 12.62 26.92
CA LYS A 250 -7.91 12.72 27.59
C LYS A 250 -8.65 14.00 27.20
N ARG A 251 -7.91 15.09 26.97
CA ARG A 251 -8.56 16.32 26.52
C ARG A 251 -9.01 16.20 25.07
N LEU A 252 -8.17 15.62 24.21
CA LEU A 252 -8.55 15.42 22.82
C LEU A 252 -9.73 14.47 22.69
N MET A 253 -9.78 13.45 23.55
CA MET A 253 -10.90 12.50 23.53
C MET A 253 -12.21 13.19 23.91
N ALA A 254 -12.15 14.08 24.90
CA ALA A 254 -13.36 14.77 25.35
C ALA A 254 -13.88 15.73 24.28
N GLU A 255 -12.97 16.43 23.59
CA GLU A 255 -13.39 17.36 22.56
C GLU A 255 -13.94 16.64 21.33
N CYS A 256 -13.49 15.40 21.10
CA CYS A 256 -14.02 14.61 20.00
C CYS A 256 -15.38 13.98 20.33
N LEU A 257 -15.84 14.07 21.57
CA LEU A 257 -17.11 13.52 21.99
C LEU A 257 -18.09 14.61 22.41
N LYS A 258 -17.92 15.82 21.89
CA LYS A 258 -18.82 16.92 22.19
C LYS A 258 -20.19 16.68 21.58
N LYS A 259 -21.24 17.10 22.29
CA LYS A 259 -22.60 16.90 21.80
C LYS A 259 -22.85 17.71 20.53
N LYS A 260 -22.37 18.95 20.49
CA LYS A 260 -22.47 19.76 19.29
C LYS A 260 -21.41 19.35 18.27
N ARG A 261 -21.81 19.35 17.00
CA ARG A 261 -20.86 18.98 15.95
C ARG A 261 -19.80 20.05 15.75
N ASP A 262 -20.20 21.33 15.81
CA ASP A 262 -19.25 22.41 15.55
C ASP A 262 -18.16 22.48 16.61
N GLU A 263 -18.43 22.03 17.83
CA GLU A 263 -17.45 22.06 18.89
C GLU A 263 -16.42 20.94 18.79
N ARG A 264 -16.57 20.02 17.84
CA ARG A 264 -15.59 18.96 17.70
C ARG A 264 -14.50 19.36 16.70
N PRO A 265 -13.24 19.07 17.01
CA PRO A 265 -12.16 19.47 16.11
C PRO A 265 -12.12 18.63 14.85
N SER A 266 -11.36 19.11 13.88
CA SER A 266 -11.17 18.41 12.62
C SER A 266 -9.91 17.55 12.68
N PHE A 267 -9.89 16.51 11.84
CA PHE A 267 -8.76 15.59 11.84
C PHE A 267 -7.41 16.26 11.57
N PRO A 268 -7.30 17.34 10.76
CA PRO A 268 -6.02 18.07 10.69
C PRO A 268 -5.48 18.42 12.06
N ARG A 269 -6.27 19.13 12.87
CA ARG A 269 -5.84 19.49 14.21
C ARG A 269 -5.87 18.31 15.17
N ILE A 270 -6.57 17.23 14.81
CA ILE A 270 -6.50 16.00 15.61
C ILE A 270 -5.20 15.25 15.34
N LEU A 271 -4.94 14.95 14.07
CA LEU A 271 -3.70 14.27 13.70
C LEU A 271 -2.47 15.09 14.10
N ALA A 272 -2.58 16.42 14.10
CA ALA A 272 -1.44 17.25 14.46
C ALA A 272 -1.03 17.03 15.91
N GLU A 273 -2.00 16.99 16.82
CA GLU A 273 -1.67 16.80 18.23
C GLU A 273 -1.24 15.36 18.53
N ILE A 274 -1.76 14.40 17.78
CA ILE A 274 -1.39 13.00 18.02
C ILE A 274 0.04 12.75 17.57
N GLU A 275 0.39 13.19 16.35
CA GLU A 275 1.77 13.07 15.89
C GLU A 275 2.73 13.87 16.76
N GLU A 276 2.27 15.02 17.28
CA GLU A 276 3.08 15.79 18.20
C GLU A 276 3.29 15.02 19.50
N LEU A 277 2.26 14.36 20.00
CA LEU A 277 2.41 13.51 21.18
C LEU A 277 3.28 12.29 20.89
N ALA A 278 3.20 11.76 19.67
CA ALA A 278 3.98 10.57 19.33
C ALA A 278 5.48 10.85 19.36
N ARG A 279 5.89 12.00 18.84
CA ARG A 279 7.32 12.33 18.81
C ARG A 279 7.87 12.62 20.19
N GLU A 280 7.01 12.93 21.16
CA GLU A 280 7.47 13.14 22.53
C GLU A 280 7.79 11.83 23.24
N LEU A 281 7.28 10.71 22.74
CA LEU A 281 7.58 9.39 23.30
C LEU A 281 8.61 8.63 22.49
N SER A 282 8.65 8.84 21.16
CA SER A 282 9.62 8.16 20.33
C SER A 282 11.01 8.78 20.42
N GLY A 283 11.08 10.06 20.77
CA GLY A 283 12.36 10.74 20.90
C GLY A 283 12.81 11.47 19.65
N ASP B 9 -8.23 12.61 -10.11
CA ASP B 9 -7.21 13.66 -10.07
C ASP B 9 -6.40 13.58 -8.78
N TRP B 10 -5.16 13.11 -8.89
CA TRP B 10 -4.30 12.89 -7.75
C TRP B 10 -3.37 14.07 -7.47
N GLU B 11 -3.55 15.19 -8.16
CA GLU B 11 -2.68 16.34 -7.97
C GLU B 11 -2.81 16.88 -6.55
N ILE B 12 -1.68 17.09 -5.90
CA ILE B 12 -1.64 17.58 -4.52
C ILE B 12 -1.43 19.11 -4.58
N PRO B 13 -2.34 19.90 -4.00
CA PRO B 13 -2.17 21.35 -4.04
C PRO B 13 -0.93 21.80 -3.28
N ASP B 14 -0.34 22.90 -3.73
CA ASP B 14 0.84 23.46 -3.08
C ASP B 14 0.48 24.00 -1.70
N GLY B 15 1.22 23.55 -0.69
CA GLY B 15 1.02 24.00 0.68
C GLY B 15 0.66 22.91 1.66
N GLN B 16 0.32 21.71 1.20
CA GLN B 16 -0.04 20.61 2.09
C GLN B 16 1.15 19.76 2.50
N ILE B 17 2.15 19.62 1.62
CA ILE B 17 3.30 18.77 1.90
C ILE B 17 4.30 19.54 2.73
N THR B 18 4.79 18.91 3.80
CA THR B 18 5.80 19.49 4.68
C THR B 18 7.13 18.81 4.35
N VAL B 19 7.92 19.45 3.50
CA VAL B 19 9.20 18.88 3.09
C VAL B 19 10.15 18.80 4.28
N GLY B 20 10.70 17.61 4.51
CA GLY B 20 11.57 17.41 5.65
C GLY B 20 13.02 17.13 5.27
N GLN B 21 13.61 16.12 5.91
CA GLN B 21 15.01 15.82 5.68
C GLN B 21 15.22 15.27 4.28
N ARG B 22 16.33 15.67 3.65
CA ARG B 22 16.67 15.21 2.31
C ARG B 22 17.20 13.78 2.36
N ILE B 23 16.76 12.97 1.40
CA ILE B 23 17.15 11.57 1.31
C ILE B 23 18.29 11.38 0.32
N GLY B 24 18.14 11.92 -0.89
CA GLY B 24 19.21 11.85 -1.87
C GLY B 24 19.10 12.98 -2.88
N SER B 25 20.01 12.97 -3.84
CA SER B 25 20.08 14.01 -4.87
C SER B 25 20.59 13.39 -6.15
N GLY B 26 19.74 13.34 -7.19
CA GLY B 26 20.11 12.76 -8.46
C GLY B 26 20.05 13.75 -9.61
N SER B 27 20.49 13.29 -10.78
CA SER B 27 20.49 14.08 -12.01
C SER B 27 19.10 14.42 -12.50
N PHE B 28 18.06 13.90 -11.84
CA PHE B 28 16.67 14.20 -12.19
C PHE B 28 16.11 15.16 -11.14
N GLY B 29 15.93 14.70 -9.90
CA GLY B 29 15.49 15.57 -8.83
C GLY B 29 16.00 15.04 -7.51
N THR B 30 15.71 15.80 -6.45
CA THR B 30 16.05 15.41 -5.09
C THR B 30 14.84 14.80 -4.40
N VAL B 31 15.12 13.95 -3.41
CA VAL B 31 14.08 13.22 -2.68
C VAL B 31 14.15 13.63 -1.21
N TYR B 32 13.00 13.98 -0.65
CA TYR B 32 12.88 14.31 0.77
C TYR B 32 11.84 13.41 1.42
N LYS B 33 11.87 13.38 2.75
CA LYS B 33 10.83 12.73 3.55
C LYS B 33 9.86 13.80 3.99
N GLY B 34 8.63 13.77 3.44
CA GLY B 34 7.65 14.80 3.67
C GLY B 34 6.52 14.33 4.58
N LYS B 35 5.73 15.31 5.03
CA LYS B 35 4.55 15.08 5.85
C LYS B 35 3.30 15.41 5.04
N TRP B 36 2.44 14.42 4.86
CA TRP B 36 1.18 14.63 4.13
C TRP B 36 0.26 13.46 4.54
N HIS B 37 -0.58 13.71 5.54
CA HIS B 37 -1.44 12.69 6.14
C HIS B 37 -0.60 11.50 6.62
N GLY B 38 0.56 11.81 7.20
CA GLY B 38 1.49 10.79 7.64
C GLY B 38 2.86 10.98 7.02
N ASP B 39 3.64 9.90 6.98
CA ASP B 39 4.98 9.96 6.40
C ASP B 39 4.92 9.58 4.93
N VAL B 40 5.49 10.44 4.08
CA VAL B 40 5.54 10.21 2.64
C VAL B 40 6.94 10.56 2.15
N ALA B 41 7.22 10.17 0.92
CA ALA B 41 8.48 10.49 0.27
C ALA B 41 8.16 11.27 -1.01
N VAL B 42 8.88 12.37 -1.21
CA VAL B 42 8.62 13.28 -2.32
C VAL B 42 9.90 13.42 -3.12
N LYS B 43 9.79 13.21 -4.43
CA LYS B 43 10.91 13.40 -5.35
C LYS B 43 10.66 14.74 -6.03
N MET B 44 11.27 15.79 -5.51
CA MET B 44 11.07 17.10 -6.13
C MET B 44 12.00 17.17 -7.33
N LEU B 45 11.42 17.26 -8.52
CA LEU B 45 12.16 17.44 -9.76
C LEU B 45 12.77 18.83 -9.76
N ASN B 46 14.09 18.91 -9.73
CA ASN B 46 14.75 20.21 -9.66
C ASN B 46 14.54 20.93 -10.99
N VAL B 47 13.28 21.28 -11.27
CA VAL B 47 12.91 21.98 -12.50
C VAL B 47 12.00 23.14 -12.12
N THR B 48 12.58 24.32 -11.94
CA THR B 48 11.76 25.52 -11.82
C THR B 48 11.04 25.80 -13.13
N ALA B 49 11.65 25.40 -14.25
CA ALA B 49 11.07 25.53 -15.59
C ALA B 49 11.47 24.29 -16.37
N PRO B 50 10.71 23.21 -16.24
CA PRO B 50 11.11 21.95 -16.89
C PRO B 50 11.05 22.03 -18.41
N THR B 51 12.09 21.47 -19.04
CA THR B 51 12.10 21.33 -20.49
C THR B 51 11.03 20.32 -20.91
N PRO B 52 10.56 20.40 -22.16
CA PRO B 52 9.57 19.41 -22.63
C PRO B 52 10.02 17.97 -22.48
N GLN B 53 11.34 17.71 -22.54
CA GLN B 53 11.83 16.36 -22.28
C GLN B 53 11.65 16.00 -20.80
N GLN B 54 12.04 16.90 -19.91
CA GLN B 54 11.85 16.67 -18.47
C GLN B 54 10.38 16.67 -18.09
N LEU B 55 9.57 17.49 -18.76
CA LEU B 55 8.14 17.50 -18.47
C LEU B 55 7.48 16.20 -18.93
N GLN B 56 7.90 15.66 -20.07
CA GLN B 56 7.33 14.41 -20.55
C GLN B 56 7.73 13.25 -19.66
N ALA B 57 8.97 13.25 -19.16
CA ALA B 57 9.40 12.22 -18.22
C ALA B 57 8.59 12.29 -16.92
N PHE B 58 8.15 13.49 -16.53
CA PHE B 58 7.29 13.61 -15.37
C PHE B 58 5.90 13.04 -15.64
N LYS B 59 5.34 13.35 -16.82
CA LYS B 59 4.01 12.83 -17.15
C LYS B 59 4.05 11.34 -17.42
N ASN B 60 5.19 10.81 -17.86
CA ASN B 60 5.29 9.37 -18.08
C ASN B 60 5.41 8.60 -16.78
N GLU B 61 6.23 9.09 -15.85
CA GLU B 61 6.43 8.38 -14.58
C GLU B 61 5.19 8.43 -13.71
N VAL B 62 4.44 9.53 -13.76
CA VAL B 62 3.17 9.60 -13.02
C VAL B 62 2.11 8.76 -13.71
N GLY B 63 2.10 8.76 -15.05
CA GLY B 63 1.14 7.95 -15.78
C GLY B 63 1.30 6.47 -15.56
N VAL B 64 2.53 6.03 -15.27
CA VAL B 64 2.76 4.61 -14.97
C VAL B 64 2.36 4.30 -13.53
N LEU B 65 2.68 5.20 -12.60
CA LEU B 65 2.35 4.98 -11.20
C LEU B 65 0.84 5.01 -10.95
N ARG B 66 0.07 5.67 -11.82
CA ARG B 66 -1.39 5.67 -11.68
C ARG B 66 -1.97 4.26 -11.81
N LYS B 67 -1.45 3.49 -12.77
CA LYS B 67 -1.99 2.17 -13.07
C LYS B 67 -1.57 1.09 -12.08
N THR B 68 -0.83 1.44 -11.02
CA THR B 68 -0.33 0.46 -10.06
C THR B 68 -1.13 0.53 -8.77
N ARG B 69 -1.66 -0.62 -8.34
CA ARG B 69 -2.37 -0.78 -7.07
C ARG B 69 -2.12 -2.20 -6.59
N HIS B 70 -0.97 -2.41 -5.94
CA HIS B 70 -0.55 -3.73 -5.53
C HIS B 70 0.25 -3.62 -4.23
N VAL B 71 0.25 -4.72 -3.47
CA VAL B 71 0.92 -4.73 -2.17
C VAL B 71 2.42 -4.69 -2.32
N ASN B 72 2.95 -5.22 -3.43
CA ASN B 72 4.39 -5.32 -3.64
C ASN B 72 4.91 -4.28 -4.62
N ILE B 73 4.09 -3.31 -5.01
CA ILE B 73 4.51 -2.17 -5.81
C ILE B 73 4.41 -0.93 -4.94
N LEU B 74 5.39 -0.03 -5.09
CA LEU B 74 5.43 1.18 -4.29
C LEU B 74 4.15 1.99 -4.48
N LEU B 75 3.51 2.34 -3.36
CA LEU B 75 2.21 3.01 -3.40
C LEU B 75 2.39 4.46 -3.85
N PHE B 76 1.93 4.77 -5.06
CA PHE B 76 1.83 6.15 -5.50
C PHE B 76 0.70 6.85 -4.76
N MET B 77 0.95 8.07 -4.32
CA MET B 77 -0.02 8.81 -3.52
C MET B 77 -0.43 10.15 -4.12
N GLY B 78 0.39 10.76 -4.96
CA GLY B 78 0.03 12.02 -5.57
C GLY B 78 1.23 12.67 -6.22
N TYR B 79 0.94 13.75 -6.95
CA TYR B 79 1.97 14.52 -7.62
C TYR B 79 1.70 16.00 -7.42
N SER B 80 2.71 16.82 -7.72
CA SER B 80 2.61 18.27 -7.59
C SER B 80 3.18 18.94 -8.81
N THR B 81 2.71 20.15 -9.09
CA THR B 81 3.20 20.97 -10.19
C THR B 81 3.70 22.34 -9.74
N LYS B 82 3.14 22.90 -8.67
CA LYS B 82 3.56 24.19 -8.14
C LYS B 82 4.17 24.02 -6.76
N PRO B 83 5.32 24.63 -6.48
CA PRO B 83 6.17 25.41 -7.39
C PRO B 83 7.25 24.52 -8.00
N GLN B 84 7.12 23.21 -7.84
CA GLN B 84 8.11 22.27 -8.32
C GLN B 84 7.41 20.98 -8.72
N LEU B 85 7.85 20.37 -9.81
CA LEU B 85 7.33 19.07 -10.21
C LEU B 85 7.74 18.03 -9.17
N ALA B 86 6.75 17.38 -8.56
CA ALA B 86 7.03 16.45 -7.48
C ALA B 86 6.16 15.21 -7.64
N ILE B 87 6.64 14.12 -7.06
CA ILE B 87 5.90 12.86 -6.99
C ILE B 87 5.92 12.39 -5.54
N VAL B 88 4.73 12.11 -5.01
CA VAL B 88 4.57 11.75 -3.60
C VAL B 88 4.16 10.29 -3.53
N THR B 89 4.95 9.49 -2.81
CA THR B 89 4.67 8.08 -2.56
C THR B 89 4.71 7.82 -1.06
N GLN B 90 4.39 6.59 -0.67
CA GLN B 90 4.47 6.20 0.72
C GLN B 90 5.92 6.26 1.22
N TRP B 91 6.06 6.29 2.55
CA TRP B 91 7.37 6.26 3.20
C TRP B 91 7.58 4.88 3.80
N CYS B 92 8.65 4.21 3.39
CA CYS B 92 8.95 2.86 3.83
C CYS B 92 10.27 2.84 4.58
N GLU B 93 10.29 2.10 5.69
CA GLU B 93 11.48 1.95 6.51
C GLU B 93 12.22 0.67 6.14
N GLY B 94 13.55 0.72 6.25
CA GLY B 94 14.37 -0.43 5.92
C GLY B 94 15.49 -0.10 4.96
N SER B 95 15.89 -1.08 4.15
CA SER B 95 16.96 -0.91 3.19
C SER B 95 16.61 -1.66 1.91
N SER B 96 17.35 -1.36 0.85
CA SER B 96 17.15 -2.03 -0.43
C SER B 96 17.76 -3.42 -0.40
N LEU B 97 17.28 -4.28 -1.32
CA LEU B 97 17.81 -5.63 -1.40
C LEU B 97 19.28 -5.63 -1.75
N TYR B 98 19.73 -4.66 -2.56
CA TYR B 98 21.16 -4.54 -2.85
C TYR B 98 21.94 -4.20 -1.59
N HIS B 99 21.36 -3.38 -0.70
CA HIS B 99 22.06 -3.00 0.51
C HIS B 99 22.16 -4.17 1.49
N HIS B 100 21.18 -5.07 1.49
CA HIS B 100 21.20 -6.19 2.41
C HIS B 100 22.08 -7.34 1.91
N LEU B 101 22.21 -7.49 0.59
CA LEU B 101 22.96 -8.60 0.02
C LEU B 101 24.38 -8.25 -0.38
N HIS B 102 24.69 -6.97 -0.60
CA HIS B 102 25.99 -6.57 -1.10
C HIS B 102 26.68 -5.47 -0.31
N ALA B 103 25.99 -4.82 0.64
CA ALA B 103 26.62 -3.82 1.48
C ALA B 103 26.62 -4.24 2.95
N SER B 104 25.46 -4.55 3.52
CA SER B 104 25.41 -5.02 4.90
C SER B 104 25.79 -6.50 5.00
N GLU B 105 25.57 -7.26 3.93
CA GLU B 105 25.76 -8.71 3.91
C GLU B 105 24.96 -9.38 5.03
N THR B 106 23.66 -9.14 5.00
CA THR B 106 22.75 -9.76 5.94
C THR B 106 22.46 -11.19 5.47
N LYS B 107 22.49 -12.14 6.40
CA LYS B 107 22.23 -13.52 6.05
C LYS B 107 20.74 -13.79 6.20
N PHE B 108 20.09 -14.05 5.07
CA PHE B 108 18.69 -14.43 5.03
C PHE B 108 18.59 -15.95 4.97
N GLU B 109 17.66 -16.51 5.76
CA GLU B 109 17.41 -17.93 5.63
C GLU B 109 16.83 -18.24 4.25
N MET B 110 16.95 -19.50 3.85
CA MET B 110 16.42 -19.90 2.55
C MET B 110 14.91 -19.68 2.46
N LYS B 111 14.21 -19.79 3.60
CA LYS B 111 12.79 -19.50 3.62
C LYS B 111 12.51 -18.05 3.22
N LYS B 112 13.26 -17.11 3.80
CA LYS B 112 13.03 -15.70 3.49
C LYS B 112 13.55 -15.33 2.11
N LEU B 113 14.65 -15.94 1.67
CA LEU B 113 15.16 -15.66 0.32
C LEU B 113 14.13 -16.03 -0.73
N ILE B 114 13.41 -17.13 -0.53
CA ILE B 114 12.34 -17.49 -1.46
C ILE B 114 11.16 -16.54 -1.31
N ASP B 115 10.89 -16.09 -0.07
CA ASP B 115 9.78 -15.18 0.15
C ASP B 115 10.03 -13.83 -0.50
N ILE B 116 11.27 -13.34 -0.43
CA ILE B 116 11.61 -12.08 -1.11
C ILE B 116 11.47 -12.25 -2.62
N ALA B 117 11.88 -13.40 -3.15
CA ALA B 117 11.73 -13.65 -4.58
C ALA B 117 10.27 -13.81 -4.97
N ARG B 118 9.44 -14.37 -4.08
CA ARG B 118 8.02 -14.53 -4.39
C ARG B 118 7.31 -13.17 -4.43
N GLN B 119 7.56 -12.32 -3.44
CA GLN B 119 6.95 -11.00 -3.45
C GLN B 119 7.44 -10.16 -4.62
N THR B 120 8.72 -10.29 -4.97
CA THR B 120 9.24 -9.60 -6.15
C THR B 120 8.54 -10.08 -7.41
N ALA B 121 8.37 -11.38 -7.56
CA ALA B 121 7.66 -11.92 -8.72
C ALA B 121 6.20 -11.47 -8.73
N ARG B 122 5.59 -11.35 -7.54
CA ARG B 122 4.22 -10.86 -7.46
C ARG B 122 4.12 -9.45 -8.03
N GLY B 123 5.00 -8.55 -7.59
CA GLY B 123 4.98 -7.19 -8.10
C GLY B 123 5.30 -7.12 -9.58
N MET B 124 6.29 -7.90 -10.04
CA MET B 124 6.65 -7.89 -11.45
C MET B 124 5.52 -8.45 -12.31
N ASP B 125 4.82 -9.48 -11.83
CA ASP B 125 3.70 -10.02 -12.58
C ASP B 125 2.57 -9.01 -12.72
N TYR B 126 2.29 -8.26 -11.65
CA TYR B 126 1.26 -7.23 -11.72
C TYR B 126 1.63 -6.15 -12.73
N LEU B 127 2.92 -5.82 -12.82
CA LEU B 127 3.36 -4.84 -13.82
C LEU B 127 3.15 -5.35 -15.23
N HIS B 128 3.60 -6.57 -15.52
CA HIS B 128 3.42 -7.12 -16.86
C HIS B 128 1.95 -7.37 -17.19
N ALA B 129 1.13 -7.66 -16.17
CA ALA B 129 -0.30 -7.78 -16.41
C ALA B 129 -0.90 -6.45 -16.83
N LYS B 130 -0.47 -5.36 -16.20
CA LYS B 130 -0.88 -4.02 -16.58
C LYS B 130 -0.12 -3.50 -17.79
N SER B 131 0.59 -4.36 -18.51
CA SER B 131 1.39 -3.97 -19.68
C SER B 131 2.39 -2.88 -19.32
N ILE B 132 3.13 -3.11 -18.24
CA ILE B 132 4.11 -2.16 -17.72
C ILE B 132 5.47 -2.86 -17.70
N ILE B 133 6.44 -2.28 -18.38
CA ILE B 133 7.81 -2.79 -18.41
C ILE B 133 8.64 -1.99 -17.42
N HIS B 134 9.34 -2.69 -16.53
CA HIS B 134 10.14 -1.99 -15.52
C HIS B 134 11.35 -1.31 -16.14
N ARG B 135 11.95 -1.94 -17.16
CA ARG B 135 13.05 -1.38 -17.93
C ARG B 135 14.34 -1.24 -17.12
N ASP B 136 14.25 -1.30 -15.80
CA ASP B 136 15.42 -1.11 -14.95
C ASP B 136 15.23 -1.86 -13.64
N LEU B 137 14.89 -3.14 -13.72
CA LEU B 137 14.75 -3.97 -12.54
C LEU B 137 16.11 -4.41 -12.03
N LYS B 138 16.38 -4.15 -10.75
CA LYS B 138 17.62 -4.54 -10.12
C LYS B 138 17.41 -4.61 -8.62
N SER B 139 18.33 -5.30 -7.94
CA SER B 139 18.22 -5.45 -6.49
C SER B 139 18.27 -4.12 -5.76
N ASN B 140 18.80 -3.08 -6.39
CA ASN B 140 18.81 -1.75 -5.77
C ASN B 140 17.43 -1.12 -5.79
N ASN B 141 16.59 -1.50 -6.74
CA ASN B 141 15.23 -0.99 -6.85
C ASN B 141 14.21 -1.88 -6.13
N ILE B 142 14.67 -2.83 -5.33
CA ILE B 142 13.81 -3.72 -4.56
C ILE B 142 13.97 -3.32 -3.10
N PHE B 143 13.03 -2.52 -2.59
CA PHE B 143 13.09 -2.05 -1.21
C PHE B 143 12.35 -3.02 -0.30
N LEU B 144 12.96 -3.32 0.85
CA LEU B 144 12.39 -4.23 1.84
C LEU B 144 11.77 -3.39 2.95
N HIS B 145 10.49 -3.04 2.77
CA HIS B 145 9.77 -2.23 3.75
C HIS B 145 9.63 -2.99 5.07
N GLU B 146 10.13 -2.40 6.15
CA GLU B 146 10.11 -3.02 7.48
C GLU B 146 10.85 -4.36 7.49
N ASP B 147 11.79 -4.54 6.55
CA ASP B 147 12.57 -5.77 6.41
C ASP B 147 11.68 -6.98 6.17
N ASN B 148 10.46 -6.77 5.65
CA ASN B 148 9.53 -7.86 5.40
C ASN B 148 8.85 -7.70 4.04
N THR B 149 8.07 -6.64 3.88
CA THR B 149 7.29 -6.43 2.67
C THR B 149 8.19 -5.88 1.56
N VAL B 150 8.20 -6.55 0.42
CA VAL B 150 9.01 -6.13 -0.72
C VAL B 150 8.25 -5.06 -1.49
N LYS B 151 8.93 -3.94 -1.78
CA LYS B 151 8.35 -2.83 -2.54
C LYS B 151 9.21 -2.59 -3.77
N ILE B 152 8.62 -2.75 -4.94
CA ILE B 152 9.31 -2.55 -6.22
C ILE B 152 9.06 -1.11 -6.68
N GLY B 153 10.12 -0.46 -7.14
CA GLY B 153 9.98 0.88 -7.68
C GLY B 153 11.14 1.19 -8.60
N ASP B 154 11.21 2.46 -9.00
CA ASP B 154 12.29 2.97 -9.84
C ASP B 154 12.93 4.17 -9.15
N PHE B 155 13.89 3.91 -8.27
CA PHE B 155 14.58 4.97 -7.54
C PHE B 155 15.71 5.57 -8.38
N GLY B 156 15.50 5.68 -9.69
CA GLY B 156 16.55 6.03 -10.62
C GLY B 156 17.04 7.46 -10.45
N LEU B 157 18.07 7.78 -11.25
CA LEU B 157 18.66 9.11 -11.25
C LEU B 157 18.65 9.71 -12.65
N ALA B 158 19.31 9.07 -13.62
CA ALA B 158 19.29 9.54 -15.01
C ALA B 158 18.14 8.86 -15.72
N THR B 159 16.97 9.50 -15.69
CA THR B 159 15.80 8.97 -16.39
C THR B 159 15.67 9.61 -17.77
N GLU B 171 10.90 13.48 -31.92
CA GLU B 171 11.55 14.75 -32.12
C GLU B 171 12.82 14.62 -32.95
N GLN B 172 13.85 14.00 -32.40
CA GLN B 172 15.03 13.67 -33.21
C GLN B 172 14.66 12.72 -34.34
N LEU B 173 13.62 11.94 -34.15
CA LEU B 173 13.08 11.09 -35.22
C LEU B 173 11.99 11.79 -36.01
N SER B 174 12.18 13.06 -36.36
CA SER B 174 11.15 13.78 -37.11
C SER B 174 11.76 14.74 -38.11
N GLY B 175 12.26 15.90 -37.63
CA GLY B 175 12.86 16.88 -38.51
C GLY B 175 14.22 16.50 -39.07
N SER B 176 14.77 15.38 -38.63
CA SER B 176 16.09 14.90 -39.04
C SER B 176 16.02 13.56 -39.78
N ILE B 177 14.85 13.22 -40.33
CA ILE B 177 14.66 11.88 -40.87
C ILE B 177 15.08 11.80 -42.35
N LEU B 178 14.86 12.88 -43.10
CA LEU B 178 15.17 12.82 -44.53
C LEU B 178 16.68 12.70 -44.77
N TRP B 179 17.49 13.07 -43.77
CA TRP B 179 18.94 13.05 -43.90
C TRP B 179 19.61 11.93 -43.10
N MET B 180 18.84 11.06 -42.44
CA MET B 180 19.43 9.99 -41.65
C MET B 180 19.66 8.76 -42.51
N ALA B 181 20.89 8.25 -42.46
CA ALA B 181 21.28 7.10 -43.26
C ALA B 181 20.57 5.85 -42.75
N PRO B 182 20.48 4.81 -43.58
CA PRO B 182 19.83 3.56 -43.13
C PRO B 182 20.41 3.00 -41.84
N GLU B 183 21.74 2.93 -41.71
CA GLU B 183 22.35 2.40 -40.49
C GLU B 183 22.06 3.29 -39.29
N VAL B 184 21.75 4.58 -39.50
CA VAL B 184 21.39 5.44 -38.39
C VAL B 184 19.99 5.09 -37.87
N ILE B 185 19.18 4.41 -38.70
CA ILE B 185 17.84 4.03 -38.29
C ILE B 185 17.81 2.65 -37.63
N ARG B 186 18.90 1.88 -37.73
CA ARG B 186 18.98 0.61 -37.01
C ARG B 186 19.19 0.80 -35.51
N MET B 187 19.44 2.02 -35.06
CA MET B 187 19.73 2.29 -33.66
C MET B 187 18.73 3.27 -33.06
N GLN B 188 17.81 3.82 -33.86
CA GLN B 188 16.81 4.74 -33.35
C GLN B 188 15.37 4.28 -33.58
N ASP B 189 15.14 3.00 -33.88
CA ASP B 189 13.78 2.47 -33.95
C ASP B 189 13.67 1.12 -33.26
N SER B 190 14.69 0.68 -32.54
CA SER B 190 14.68 -0.60 -31.84
C SER B 190 14.57 -0.35 -30.34
N ASN B 191 13.55 -0.94 -29.73
CA ASN B 191 13.34 -0.86 -28.29
C ASN B 191 13.67 -2.21 -27.68
N PRO B 192 14.88 -2.40 -27.15
CA PRO B 192 15.22 -3.68 -26.53
C PRO B 192 14.48 -3.96 -25.23
N TYR B 193 13.91 -2.94 -24.59
CA TYR B 193 13.15 -3.14 -23.37
C TYR B 193 11.83 -3.84 -23.65
N SER B 194 11.65 -5.02 -23.07
CA SER B 194 10.44 -5.81 -23.24
C SER B 194 10.22 -6.63 -21.98
N PHE B 195 9.14 -7.42 -21.98
CA PHE B 195 8.87 -8.30 -20.85
C PHE B 195 9.99 -9.32 -20.66
N GLN B 196 10.64 -9.73 -21.75
CA GLN B 196 11.75 -10.68 -21.64
C GLN B 196 12.98 -10.02 -21.04
N SER B 197 13.18 -8.72 -21.28
CA SER B 197 14.29 -8.01 -20.65
C SER B 197 14.09 -7.91 -19.15
N ASP B 198 12.84 -7.74 -18.70
CA ASP B 198 12.58 -7.72 -17.26
C ASP B 198 12.75 -9.10 -16.66
N VAL B 199 12.46 -10.16 -17.42
CA VAL B 199 12.70 -11.51 -16.94
C VAL B 199 14.19 -11.74 -16.72
N TYR B 200 15.02 -11.24 -17.64
CA TYR B 200 16.47 -11.34 -17.47
C TYR B 200 16.92 -10.58 -16.23
N ALA B 201 16.36 -9.38 -16.00
CA ALA B 201 16.67 -8.62 -14.80
C ALA B 201 16.26 -9.39 -13.55
N PHE B 202 15.09 -10.03 -13.58
CA PHE B 202 14.67 -10.86 -12.45
C PHE B 202 15.60 -12.05 -12.24
N GLY B 203 16.15 -12.59 -13.33
CA GLY B 203 17.08 -13.70 -13.20
C GLY B 203 18.36 -13.31 -12.47
N ILE B 204 18.84 -12.09 -12.73
CA ILE B 204 20.03 -11.62 -12.01
C ILE B 204 19.72 -11.44 -10.53
N VAL B 205 18.50 -10.98 -10.21
CA VAL B 205 18.10 -10.84 -8.82
C VAL B 205 18.07 -12.21 -8.13
N LEU B 206 17.61 -13.24 -8.86
CA LEU B 206 17.68 -14.60 -8.33
C LEU B 206 19.12 -15.01 -8.10
N TYR B 207 20.03 -14.59 -8.97
CA TYR B 207 21.44 -14.90 -8.78
C TYR B 207 21.98 -14.24 -7.51
N GLU B 208 21.59 -12.99 -7.26
CA GLU B 208 22.05 -12.32 -6.04
C GLU B 208 21.47 -12.99 -4.79
N LEU B 209 20.21 -13.40 -4.84
CA LEU B 209 19.59 -14.03 -3.68
C LEU B 209 20.20 -15.40 -3.39
N MET B 210 20.39 -16.22 -4.43
CA MET B 210 20.84 -17.59 -4.25
C MET B 210 22.35 -17.74 -4.18
N THR B 211 23.11 -16.68 -4.50
CA THR B 211 24.56 -16.72 -4.40
C THR B 211 25.15 -15.73 -3.41
N GLY B 212 24.40 -14.68 -3.04
CA GLY B 212 24.92 -13.66 -2.16
C GLY B 212 25.95 -12.74 -2.78
N GLN B 213 26.29 -12.93 -4.06
CA GLN B 213 27.28 -12.12 -4.73
C GLN B 213 26.68 -11.50 -5.99
N LEU B 214 27.35 -10.46 -6.48
CA LEU B 214 26.98 -9.88 -7.76
C LEU B 214 27.50 -10.76 -8.89
N PRO B 215 26.83 -10.76 -10.05
CA PRO B 215 27.31 -11.55 -11.17
C PRO B 215 28.61 -11.00 -11.73
N TYR B 216 29.43 -11.91 -12.27
CA TYR B 216 30.73 -11.56 -12.84
C TYR B 216 31.63 -10.89 -11.80
N SER B 217 31.62 -11.43 -10.59
CA SER B 217 32.42 -10.87 -9.50
C SER B 217 33.92 -11.06 -9.71
N ASN B 218 34.33 -11.90 -10.64
CA ASN B 218 35.75 -12.11 -10.92
C ASN B 218 36.25 -11.28 -12.09
N ILE B 219 35.41 -10.40 -12.64
CA ILE B 219 35.80 -9.52 -13.75
C ILE B 219 36.22 -8.17 -13.17
N ASN B 220 37.33 -7.64 -13.67
CA ASN B 220 37.88 -6.41 -13.13
C ASN B 220 37.02 -5.21 -13.49
N ASN B 221 36.91 -4.90 -14.78
CA ASN B 221 36.26 -3.69 -15.26
C ASN B 221 34.92 -4.01 -15.90
N ARG B 222 34.18 -2.94 -16.21
CA ARG B 222 32.88 -3.06 -16.84
C ARG B 222 32.93 -3.05 -18.37
N ASP B 223 34.08 -2.67 -18.96
CA ASP B 223 34.19 -2.72 -20.41
C ASP B 223 34.05 -4.14 -20.93
N GLN B 224 34.53 -5.12 -20.15
CA GLN B 224 34.39 -6.52 -20.55
C GLN B 224 32.96 -7.01 -20.34
N ILE B 225 32.40 -6.74 -19.15
CA ILE B 225 31.07 -7.23 -18.80
C ILE B 225 30.03 -6.76 -19.80
N ILE B 226 30.22 -5.58 -20.38
CA ILE B 226 29.24 -5.03 -21.31
C ILE B 226 29.30 -5.77 -22.64
N GLU B 227 30.50 -5.88 -23.22
CA GLU B 227 30.62 -6.49 -24.55
C GLU B 227 30.50 -8.00 -24.51
N MET B 228 30.96 -8.65 -23.44
CA MET B 228 30.93 -10.11 -23.41
C MET B 228 29.54 -10.64 -23.14
N VAL B 229 28.77 -10.00 -22.26
CA VAL B 229 27.41 -10.45 -21.98
C VAL B 229 26.51 -10.19 -23.18
N GLY B 230 26.64 -9.01 -23.81
CA GLY B 230 25.84 -8.69 -24.96
C GLY B 230 26.09 -9.57 -26.17
N ARG B 231 27.25 -10.22 -26.23
CA ARG B 231 27.59 -11.11 -27.33
C ARG B 231 27.39 -12.58 -27.00
N GLY B 232 26.68 -12.87 -25.92
CA GLY B 232 26.42 -14.26 -25.56
C GLY B 232 27.65 -15.05 -25.19
N SER B 233 28.75 -14.38 -24.87
CA SER B 233 29.99 -15.05 -24.51
C SER B 233 30.24 -15.10 -23.01
N LEU B 234 29.46 -14.37 -22.21
CA LEU B 234 29.61 -14.34 -20.77
C LEU B 234 28.25 -14.54 -20.11
N SER B 235 28.18 -15.49 -19.20
CA SER B 235 26.98 -15.76 -18.42
C SER B 235 27.35 -15.90 -16.95
N PRO B 236 26.43 -15.59 -16.04
CA PRO B 236 26.74 -15.72 -14.61
C PRO B 236 27.08 -17.15 -14.23
N ASP B 237 28.11 -17.30 -13.42
CA ASP B 237 28.57 -18.61 -12.97
C ASP B 237 27.55 -19.17 -11.99
N LEU B 238 26.72 -20.11 -12.47
CA LEU B 238 25.65 -20.67 -11.66
C LEU B 238 26.15 -21.58 -10.54
N SER B 239 27.42 -22.00 -10.59
CA SER B 239 27.95 -22.86 -9.54
C SER B 239 28.10 -22.15 -8.20
N LYS B 240 27.91 -20.84 -8.16
CA LYS B 240 28.04 -20.08 -6.92
C LYS B 240 26.79 -20.12 -6.05
N VAL B 241 25.77 -20.87 -6.44
CA VAL B 241 24.55 -20.96 -5.65
C VAL B 241 24.84 -21.70 -4.35
N ARG B 242 24.04 -21.41 -3.32
CA ARG B 242 24.20 -22.07 -2.04
C ARG B 242 23.89 -23.56 -2.16
N SER B 243 24.38 -24.33 -1.18
CA SER B 243 24.13 -25.77 -1.18
C SER B 243 22.66 -26.08 -0.90
N ASN B 244 22.02 -25.29 -0.04
CA ASN B 244 20.61 -25.47 0.27
C ASN B 244 19.69 -24.83 -0.75
N CYS B 245 20.22 -24.35 -1.86
CA CYS B 245 19.38 -23.79 -2.92
C CYS B 245 18.54 -24.89 -3.55
N PRO B 246 17.23 -24.71 -3.66
CA PRO B 246 16.39 -25.74 -4.30
C PRO B 246 16.79 -25.93 -5.75
N LYS B 247 16.67 -27.18 -6.22
CA LYS B 247 17.07 -27.50 -7.58
C LYS B 247 16.16 -26.85 -8.61
N ARG B 248 14.97 -26.41 -8.22
CA ARG B 248 14.10 -25.68 -9.13
C ARG B 248 14.50 -24.21 -9.23
N MET B 249 15.07 -23.64 -8.17
CA MET B 249 15.52 -22.26 -8.24
C MET B 249 16.68 -22.09 -9.21
N LYS B 250 17.65 -23.02 -9.17
CA LYS B 250 18.78 -22.95 -10.09
C LYS B 250 18.33 -23.16 -11.53
N ARG B 251 17.33 -24.02 -11.73
CA ARG B 251 16.80 -24.23 -13.08
C ARG B 251 15.98 -23.03 -13.54
N LEU B 252 15.14 -22.49 -12.65
CA LEU B 252 14.37 -21.29 -12.99
C LEU B 252 15.29 -20.11 -13.24
N MET B 253 16.39 -20.01 -12.47
CA MET B 253 17.35 -18.93 -12.67
C MET B 253 18.03 -19.04 -14.04
N ALA B 254 18.34 -20.27 -14.45
CA ALA B 254 19.00 -20.47 -15.74
C ALA B 254 18.07 -20.13 -16.89
N GLU B 255 16.78 -20.48 -16.77
CA GLU B 255 15.83 -20.18 -17.84
C GLU B 255 15.56 -18.68 -17.95
N CYS B 256 15.68 -17.95 -16.84
CA CYS B 256 15.51 -16.50 -16.86
C CYS B 256 16.74 -15.76 -17.37
N LEU B 257 17.87 -16.46 -17.57
CA LEU B 257 19.10 -15.84 -18.05
C LEU B 257 19.50 -16.37 -19.42
N LYS B 258 18.53 -16.84 -20.19
CA LYS B 258 18.82 -17.32 -21.54
C LYS B 258 19.22 -16.16 -22.44
N LYS B 259 20.17 -16.43 -23.35
CA LYS B 259 20.65 -15.38 -24.25
C LYS B 259 19.55 -14.91 -25.20
N LYS B 260 18.76 -15.84 -25.73
CA LYS B 260 17.62 -15.47 -26.57
C LYS B 260 16.47 -14.99 -25.71
N ARG B 261 15.77 -13.97 -26.20
CA ARG B 261 14.65 -13.41 -25.44
C ARG B 261 13.46 -14.38 -25.40
N ASP B 262 13.18 -15.04 -26.52
CA ASP B 262 12.01 -15.93 -26.58
C ASP B 262 12.18 -17.15 -25.68
N GLU B 263 13.42 -17.57 -25.41
CA GLU B 263 13.66 -18.73 -24.57
C GLU B 263 13.48 -18.44 -23.08
N ARG B 264 13.22 -17.19 -22.71
CA ARG B 264 13.01 -16.89 -21.30
C ARG B 264 11.51 -16.96 -20.96
N PRO B 265 11.16 -17.57 -19.83
CA PRO B 265 9.75 -17.72 -19.48
C PRO B 265 9.12 -16.40 -19.03
N SER B 266 7.80 -16.40 -18.97
CA SER B 266 7.04 -15.25 -18.53
C SER B 266 6.73 -15.34 -17.03
N PHE B 267 6.53 -14.17 -16.42
CA PHE B 267 6.29 -14.10 -14.98
C PHE B 267 5.08 -14.91 -14.48
N PRO B 268 3.97 -15.09 -15.24
CA PRO B 268 2.91 -15.99 -14.78
C PRO B 268 3.41 -17.36 -14.33
N ARG B 269 4.09 -18.09 -15.22
CA ARG B 269 4.64 -19.39 -14.82
C ARG B 269 5.86 -19.25 -13.92
N ILE B 270 6.46 -18.06 -13.82
CA ILE B 270 7.55 -17.85 -12.88
C ILE B 270 7.00 -17.75 -11.47
N LEU B 271 6.06 -16.83 -11.25
CA LEU B 271 5.44 -16.69 -9.94
C LEU B 271 4.77 -17.97 -9.49
N ALA B 272 4.26 -18.76 -10.44
CA ALA B 272 3.60 -20.03 -10.08
C ALA B 272 4.59 -21.00 -9.47
N GLU B 273 5.78 -21.13 -10.07
CA GLU B 273 6.77 -22.08 -9.55
C GLU B 273 7.38 -21.60 -8.24
N ILE B 274 7.51 -20.28 -8.06
CA ILE B 274 8.07 -19.76 -6.81
C ILE B 274 7.09 -19.95 -5.67
N GLU B 275 5.82 -19.59 -5.89
CA GLU B 275 4.80 -19.79 -4.85
C GLU B 275 4.62 -21.27 -4.52
N GLU B 276 4.77 -22.15 -5.50
CA GLU B 276 4.72 -23.58 -5.22
C GLU B 276 5.91 -24.02 -4.37
N LEU B 277 7.09 -23.49 -4.66
CA LEU B 277 8.26 -23.81 -3.85
C LEU B 277 8.13 -23.24 -2.44
N ALA B 278 7.47 -22.09 -2.30
CA ALA B 278 7.35 -21.46 -0.98
C ALA B 278 6.52 -22.32 -0.03
N ARG B 279 5.41 -22.88 -0.50
CA ARG B 279 4.56 -23.67 0.38
C ARG B 279 5.20 -24.99 0.79
N GLU B 280 6.17 -25.48 0.02
CA GLU B 280 6.90 -26.69 0.41
C GLU B 280 7.94 -26.42 1.48
N LEU B 281 8.30 -25.16 1.71
CA LEU B 281 9.28 -24.79 2.73
C LEU B 281 8.60 -24.36 4.02
N SER B 282 7.81 -25.28 4.56
CA SER B 282 7.07 -25.08 5.80
C SER B 282 6.20 -23.82 5.76
C10 QOP C . -13.42 -5.52 0.75
C13 QOP C . -13.89 -3.16 1.27
C14 QOP C . -14.07 -1.79 1.92
C16 QOP C . -14.86 0.61 1.69
C18 QOP C . -16.29 2.34 2.22
C21 QOP C . -13.95 2.60 2.65
C22 QOP C . -12.75 3.42 3.15
C26 QOP C . -13.77 1.33 2.13
C02 QOP C . -9.04 -9.13 5.11
C04 QOP C . -8.18 -7.56 3.69
C06 QOP C . -10.42 -8.05 3.49
C07 QOP C . -11.75 -7.79 2.77
C09 QOP C . -13.04 -6.99 0.77
C12 QOP C . -14.15 -3.43 -0.10
C19 QOP C . -15.24 3.11 2.70
C29 QOP C . -12.93 -7.51 -0.66
C31 QOP C . -10.29 -8.96 4.53
F23 QOP C . -12.56 4.52 2.35
F24 QOP C . -12.99 3.84 4.42
F25 QOP C . -11.63 2.65 3.13
N01 QOP C . -8.85 -10.07 6.20
N03 QOP C . -8.02 -8.43 4.68
N05 QOP C . -9.35 -7.38 3.10
N08 QOP C . -11.77 -7.21 1.44
N11 QOP C . -13.87 -4.85 -0.40
N15 QOP C . -14.68 -0.72 1.14
N17 QOP C . -16.08 1.13 1.75
O27 QOP C . -13.73 -1.60 3.04
O30 QOP C . -12.79 -8.05 3.29
S28 QOP C . -13.38 -4.49 2.01
CL20 QOP C . -15.56 4.75 3.34
CL32 QOP C . -11.69 -9.92 5.11
C10 QOP D . 9.94 8.01 -5.30
C13 QOP D . 9.41 6.58 -7.22
C14 QOP D . 9.32 5.45 -8.25
C16 QOP D . 8.46 4.65 -10.50
C18 QOP D . 8.73 4.03 -12.72
C21 QOP D . 7.88 2.42 -11.17
C22 QOP D . 7.37 1.02 -10.84
C26 QOP D . 7.99 3.39 -10.18
C02 QOP D . 11.80 5.09 1.02
C04 QOP D . 9.69 4.82 0.17
C06 QOP D . 11.14 6.20 -0.99
C07 QOP D . 11.37 7.12 -2.18
C09 QOP D . 10.49 8.61 -4.00
C12 QOP D . 8.74 7.82 -7.32
C19 QOP D . 8.27 2.75 -12.46
C29 QOP D . 9.81 9.95 -3.75
C31 QOP D . 12.12 5.94 -0.03
F23 QOP D . 6.16 0.82 -11.47
F24 QOP D . 8.26 0.09 -11.27
F25 QOP D . 7.19 0.91 -9.49
N01 QOP D . 12.78 4.80 2.04
N03 QOP D . 10.59 4.55 1.09
N05 QOP D . 9.95 5.63 -0.85
N08 QOP D . 10.24 7.73 -2.87
N11 QOP D . 9.07 8.67 -6.16
N15 QOP D . 8.58 5.68 -9.49
N17 QOP D . 8.82 4.92 -11.75
O27 QOP D . 9.85 4.41 -8.05
O30 QOP D . 12.46 7.35 -2.57
S28 QOP D . 10.29 6.54 -5.89
CL20 QOP D . 8.15 1.55 -13.77
CL32 QOP D . 13.75 6.66 -0.09
#